data_5NVM
#
_entry.id   5NVM
#
_cell.length_a   152.210
_cell.length_b   98.590
_cell.length_c   39.280
_cell.angle_alpha   90.00
_cell.angle_beta   99.59
_cell.angle_gamma   90.00
#
_symmetry.space_group_name_H-M   'C 1 2 1'
#
loop_
_entity.id
_entity.type
_entity.pdbx_description
1 polymer 'Eukaryotic translation initiation factor 4E type 2'
2 polymer 'GRB10-interacting GYF protein 2'
3 non-polymer 'PHOSPHATE ION'
4 water water
#
loop_
_entity_poly.entity_id
_entity_poly.type
_entity_poly.pdbx_seq_one_letter_code
_entity_poly.pdbx_strand_id
1 'polypeptide(L)'
;GPHMLEAEHPLQYNYTFWYSRRTPGRPTSSQSYEQNIKQIGTFASVEQFWRFYSHMVRPGDLTGHSDFHLFKEGIKPMWE
DDANKNGGKWIIRLRKGLASRCWENLILAMLGEQFMVGEEICGAVVSVRFQEDIISIWNKTASDQATTARIRDTLRRVLN
LPPNTIMEYKTHTDSIKMPGRLGPQRLLF
;
A,C
2 'polypeptide(L)' GPHMKYKLADYRYGREEMLALFLKDNKIPSDLLDKEFLPILQ B,D
#
loop_
_chem_comp.id
_chem_comp.type
_chem_comp.name
_chem_comp.formula
PO4 non-polymer 'PHOSPHATE ION' 'O4 P -3'
#
# COMPACT_ATOMS: atom_id res chain seq x y z
N GLY A 1 26.45 6.70 -2.67
CA GLY A 1 26.14 5.29 -2.75
C GLY A 1 25.13 4.82 -1.72
N PRO A 2 24.88 3.49 -1.66
CA PRO A 2 23.84 2.98 -0.77
C PRO A 2 24.37 2.47 0.57
N HIS A 3 23.97 3.12 1.66
CA HIS A 3 24.26 2.64 3.00
C HIS A 3 22.96 2.47 3.77
N MET A 4 22.92 1.42 4.61
CA MET A 4 21.85 1.24 5.57
C MET A 4 22.10 2.14 6.78
N LEU A 5 21.13 3.00 7.09
CA LEU A 5 21.23 3.95 8.18
C LEU A 5 20.09 3.72 9.17
N GLU A 6 20.43 3.76 10.47
CA GLU A 6 19.46 3.45 11.52
C GLU A 6 18.27 4.40 11.48
N ALA A 7 18.51 5.69 11.22
CA ALA A 7 17.42 6.66 11.19
C ALA A 7 16.54 6.55 9.94
N GLU A 8 16.92 5.73 8.96
CA GLU A 8 16.21 5.62 7.69
C GLU A 8 15.45 4.31 7.61
N HIS A 9 14.51 4.24 6.64
CA HIS A 9 13.67 3.07 6.46
C HIS A 9 14.16 2.22 5.30
N PRO A 10 14.75 1.04 5.57
CA PRO A 10 15.35 0.25 4.49
C PRO A 10 14.34 -0.27 3.48
N LEU A 11 14.79 -0.36 2.24
CA LEU A 11 14.09 -1.11 1.21
C LEU A 11 14.54 -2.55 1.29
N GLN A 12 13.67 -3.46 0.82
CA GLN A 12 14.00 -4.88 0.79
C GLN A 12 15.21 -5.19 -0.09
N TYR A 13 15.42 -4.41 -1.16
CA TYR A 13 16.58 -4.53 -2.02
C TYR A 13 17.16 -3.15 -2.23
N ASN A 14 18.43 -3.09 -2.60
CA ASN A 14 18.97 -1.87 -3.19
C ASN A 14 18.52 -1.81 -4.65
N TYR A 15 18.24 -0.60 -5.12
CA TYR A 15 17.87 -0.37 -6.51
C TYR A 15 18.75 0.71 -7.12
N THR A 16 18.87 0.65 -8.45
CA THR A 16 19.76 1.52 -9.22
C THR A 16 18.97 2.19 -10.35
N PHE A 17 18.98 3.53 -10.39
CA PHE A 17 18.42 4.26 -11.55
C PHE A 17 19.40 4.27 -12.71
N TRP A 18 18.84 4.17 -13.93
CA TRP A 18 19.59 4.30 -15.17
C TRP A 18 18.86 5.24 -16.10
N TYR A 19 19.61 5.90 -16.99
CA TYR A 19 19.06 6.83 -17.95
C TYR A 19 19.63 6.52 -19.31
N SER A 20 18.77 6.31 -20.31
CA SER A 20 19.26 6.10 -21.65
C SER A 20 18.59 7.07 -22.63
N ARG A 21 19.30 7.30 -23.74
CA ARG A 21 18.85 8.22 -24.76
C ARG A 21 19.32 7.65 -26.09
N ARG A 22 18.52 7.89 -27.14
CA ARG A 22 18.85 7.43 -28.48
C ARG A 22 18.48 8.54 -29.45
N THR A 23 19.47 8.98 -30.20
CA THR A 23 19.36 9.89 -31.34
C THR A 23 19.09 8.96 -32.51
N PRO A 24 17.81 8.85 -32.92
CA PRO A 24 17.38 7.62 -33.61
C PRO A 24 17.76 7.53 -35.09
N GLY A 25 18.09 8.63 -35.78
CA GLY A 25 18.18 8.59 -37.21
C GLY A 25 19.39 9.32 -37.77
N ARG A 26 19.68 9.01 -39.04
CA ARG A 26 20.65 9.69 -39.89
C ARG A 26 19.91 10.70 -40.76
N PRO A 27 18.71 10.35 -41.28
CA PRO A 27 17.86 11.38 -41.92
C PRO A 27 16.95 12.08 -40.92
N THR A 28 16.51 11.34 -39.90
CA THR A 28 15.48 11.85 -38.99
C THR A 28 15.99 13.05 -38.19
N SER A 29 17.25 13.02 -37.76
CA SER A 29 17.89 14.13 -37.10
C SER A 29 19.09 14.58 -37.93
N SER A 30 19.52 15.82 -37.69
CA SER A 30 20.72 16.32 -38.36
C SER A 30 21.96 15.58 -37.88
N GLN A 31 21.99 15.16 -36.61
CA GLN A 31 23.11 14.40 -36.08
C GLN A 31 22.97 12.92 -36.46
N SER A 32 24.10 12.22 -36.34
CA SER A 32 24.15 10.80 -36.65
C SER A 32 23.50 9.98 -35.54
N TYR A 33 23.16 8.73 -35.88
CA TYR A 33 22.64 7.81 -34.89
C TYR A 33 23.58 7.72 -33.69
N GLU A 34 22.98 7.71 -32.51
CA GLU A 34 23.73 7.63 -31.27
C GLU A 34 22.81 7.04 -30.20
N GLN A 35 23.40 6.20 -29.34
CA GLN A 35 22.72 5.54 -28.23
C GLN A 35 23.64 5.57 -27.01
N ASN A 36 23.08 5.91 -25.87
CA ASN A 36 23.81 6.04 -24.64
C ASN A 36 22.97 5.48 -23.51
N ILE A 37 23.63 4.76 -22.60
CA ILE A 37 23.03 4.40 -21.32
C ILE A 37 24.04 4.66 -20.22
N LYS A 38 23.56 5.26 -19.12
CA LYS A 38 24.41 5.67 -18.00
C LYS A 38 23.69 5.36 -16.70
N GLN A 39 24.40 4.69 -15.80
CA GLN A 39 23.92 4.47 -14.46
C GLN A 39 23.92 5.81 -13.71
N ILE A 40 22.82 6.09 -13.03
CA ILE A 40 22.66 7.33 -12.27
C ILE A 40 23.22 7.05 -10.88
N GLY A 41 22.60 6.14 -10.13
CA GLY A 41 23.06 5.82 -8.79
C GLY A 41 22.19 4.79 -8.12
N THR A 42 22.64 4.34 -6.94
CA THR A 42 22.05 3.22 -6.25
C THR A 42 21.66 3.66 -4.84
N PHE A 43 20.53 3.16 -4.34
CA PHE A 43 19.98 3.63 -3.08
C PHE A 43 19.41 2.45 -2.31
N ALA A 44 19.28 2.61 -1.00
CA ALA A 44 18.97 1.48 -0.14
C ALA A 44 17.82 1.71 0.81
N SER A 45 17.30 2.93 0.89
CA SER A 45 16.22 3.29 1.81
C SER A 45 15.19 4.14 1.06
N VAL A 46 14.01 4.26 1.68
CA VAL A 46 12.95 5.13 1.18
C VAL A 46 13.47 6.56 1.09
N GLU A 47 14.18 7.01 2.11
CA GLU A 47 14.62 8.40 2.11
C GLU A 47 15.65 8.65 1.01
N GLN A 48 16.52 7.68 0.77
CA GLN A 48 17.52 7.79 -0.29
CA GLN A 48 17.50 7.86 -0.28
C GLN A 48 16.87 7.79 -1.66
N PHE A 49 15.84 6.95 -1.85
CA PHE A 49 15.07 6.97 -3.09
C PHE A 49 14.56 8.37 -3.39
N TRP A 50 13.95 9.03 -2.39
CA TRP A 50 13.40 10.37 -2.62
C TRP A 50 14.49 11.39 -2.95
N ARG A 51 15.69 11.25 -2.38
CA ARG A 51 16.78 12.12 -2.76
C ARG A 51 17.05 12.08 -4.27
N PHE A 52 17.02 10.89 -4.87
CA PHE A 52 17.20 10.76 -6.32
C PHE A 52 15.97 11.19 -7.09
N TYR A 53 14.82 10.63 -6.73
CA TYR A 53 13.63 10.79 -7.55
C TYR A 53 13.13 12.24 -7.54
N SER A 54 13.22 12.92 -6.40
CA SER A 54 12.74 14.29 -6.31
C SER A 54 13.56 15.24 -7.16
N HIS A 55 14.76 14.84 -7.58
CA HIS A 55 15.63 15.69 -8.38
C HIS A 55 15.74 15.24 -9.83
N MET A 56 14.92 14.29 -10.26
CA MET A 56 14.83 13.88 -11.65
C MET A 56 13.56 14.47 -12.24
N VAL A 57 13.66 14.97 -13.47
CA VAL A 57 12.49 15.37 -14.22
C VAL A 57 11.58 14.18 -14.38
N ARG A 58 10.27 14.42 -14.35
CA ARG A 58 9.33 13.33 -14.57
C ARG A 58 9.37 12.89 -16.04
N PRO A 59 9.11 11.61 -16.31
CA PRO A 59 9.36 11.12 -17.67
C PRO A 59 8.47 11.76 -18.72
N GLY A 60 7.26 12.15 -18.36
CA GLY A 60 6.39 12.85 -19.27
C GLY A 60 6.96 14.16 -19.77
N ASP A 61 8.02 14.67 -19.13
CA ASP A 61 8.65 15.88 -19.58
C ASP A 61 9.99 15.66 -20.28
N LEU A 62 10.41 14.41 -20.46
CA LEU A 62 11.60 14.14 -21.27
C LEU A 62 11.28 14.36 -22.74
N THR A 63 12.28 14.81 -23.48
CA THR A 63 12.15 14.95 -24.92
C THR A 63 12.86 13.80 -25.64
N GLY A 64 12.56 13.67 -26.92
CA GLY A 64 13.24 12.69 -27.73
C GLY A 64 12.93 11.28 -27.28
N HIS A 65 13.80 10.38 -27.68
CA HIS A 65 13.70 8.95 -27.40
CA HIS A 65 13.68 8.96 -27.39
C HIS A 65 14.58 8.67 -26.19
N SER A 66 13.96 8.57 -25.02
CA SER A 66 14.65 8.56 -23.74
C SER A 66 13.96 7.55 -22.82
N ASP A 67 14.71 7.01 -21.86
CA ASP A 67 14.15 6.00 -20.95
C ASP A 67 14.74 6.20 -19.57
N PHE A 68 13.91 6.00 -18.54
CA PHE A 68 14.39 5.72 -17.20
C PHE A 68 14.25 4.23 -16.93
N HIS A 69 15.23 3.69 -16.23
CA HIS A 69 15.20 2.30 -15.81
C HIS A 69 15.47 2.28 -14.32
N LEU A 70 14.78 1.39 -13.61
CA LEU A 70 14.96 1.23 -12.17
C LEU A 70 15.02 -0.26 -11.89
N PHE A 71 16.21 -0.77 -11.60
CA PHE A 71 16.45 -2.20 -11.47
C PHE A 71 17.18 -2.53 -10.17
N LYS A 72 16.96 -3.72 -9.68
CA LYS A 72 17.67 -4.17 -8.49
C LYS A 72 19.17 -4.04 -8.69
N GLU A 73 19.87 -3.60 -7.65
CA GLU A 73 21.31 -3.45 -7.76
C GLU A 73 21.93 -4.76 -8.21
N GLY A 74 22.81 -4.69 -9.19
CA GLY A 74 23.43 -5.86 -9.77
C GLY A 74 22.71 -6.45 -10.97
N ILE A 75 21.51 -5.98 -11.31
CA ILE A 75 20.84 -6.38 -12.54
C ILE A 75 20.96 -5.25 -13.54
N LYS A 76 21.64 -5.52 -14.66
CA LYS A 76 21.69 -4.56 -15.74
C LYS A 76 20.34 -4.54 -16.47
N PRO A 77 19.91 -3.38 -16.94
CA PRO A 77 18.58 -3.25 -17.57
C PRO A 77 18.58 -3.71 -19.03
N MET A 78 19.11 -4.91 -19.27
CA MET A 78 19.30 -5.47 -20.59
C MET A 78 18.85 -6.92 -20.50
N TRP A 79 18.07 -7.38 -21.47
CA TRP A 79 17.45 -8.68 -21.32
C TRP A 79 18.48 -9.80 -21.28
N GLU A 80 19.68 -9.59 -21.82
CA GLU A 80 20.69 -10.62 -21.83
C GLU A 80 21.34 -10.84 -20.47
N ASP A 81 21.20 -9.90 -19.54
CA ASP A 81 21.66 -10.10 -18.18
C ASP A 81 21.21 -11.47 -17.67
N ASP A 82 22.06 -12.12 -16.88
CA ASP A 82 21.69 -13.40 -16.29
C ASP A 82 20.35 -13.34 -15.58
N ALA A 83 20.12 -12.28 -14.79
CA ALA A 83 18.87 -12.18 -14.06
C ALA A 83 17.66 -12.03 -14.97
N ASN A 84 17.85 -11.55 -16.20
CA ASN A 84 16.75 -11.26 -17.10
C ASN A 84 16.57 -12.27 -18.23
N LYS A 85 17.62 -13.01 -18.62
CA LYS A 85 17.59 -13.69 -19.92
C LYS A 85 16.47 -14.73 -20.00
N ASN A 86 16.05 -15.31 -18.88
CA ASN A 86 14.91 -16.23 -18.88
C ASN A 86 13.63 -15.55 -18.45
N GLY A 87 13.58 -14.22 -18.50
CA GLY A 87 12.46 -13.47 -17.99
C GLY A 87 11.62 -12.85 -19.07
N GLY A 88 10.76 -11.94 -18.64
CA GLY A 88 9.88 -11.21 -19.53
C GLY A 88 9.32 -10.01 -18.79
N LYS A 89 8.39 -9.33 -19.46
CA LYS A 89 7.93 -8.05 -18.96
C LYS A 89 6.46 -7.86 -19.30
N TRP A 90 5.76 -7.18 -18.42
CA TRP A 90 4.45 -6.63 -18.70
C TRP A 90 4.62 -5.24 -19.32
N ILE A 91 3.90 -4.98 -20.41
CA ILE A 91 4.03 -3.76 -21.20
C ILE A 91 2.71 -3.02 -21.20
N ILE A 92 2.76 -1.71 -20.95
CA ILE A 92 1.59 -0.84 -20.98
C ILE A 92 1.92 0.37 -21.85
N ARG A 93 1.22 0.49 -22.99
CA ARG A 93 1.39 1.63 -23.88
C ARG A 93 0.42 2.73 -23.49
N LEU A 94 0.91 3.96 -23.43
CA LEU A 94 0.14 5.06 -22.89
C LEU A 94 0.18 6.24 -23.83
N ARG A 95 -0.97 6.89 -23.99
CA ARG A 95 -1.00 8.15 -24.70
C ARG A 95 -0.22 9.19 -23.90
N LYS A 96 0.34 10.16 -24.60
CA LYS A 96 1.16 11.17 -23.93
C LYS A 96 0.39 11.80 -22.78
N GLY A 97 1.12 12.07 -21.70
CA GLY A 97 0.59 12.75 -20.54
C GLY A 97 0.20 11.86 -19.37
N LEU A 98 0.15 10.54 -19.56
CA LEU A 98 -0.16 9.62 -18.47
C LEU A 98 1.07 9.00 -17.80
N ALA A 99 2.23 8.97 -18.47
CA ALA A 99 3.34 8.13 -17.98
C ALA A 99 3.90 8.62 -16.66
N SER A 100 3.94 9.92 -16.41
CA SER A 100 4.63 10.41 -15.23
C SER A 100 3.94 9.93 -13.96
N ARG A 101 2.61 9.93 -13.95
CA ARG A 101 1.88 9.45 -12.78
C ARG A 101 1.94 7.93 -12.69
N CYS A 102 1.84 7.26 -13.83
CA CYS A 102 1.87 5.79 -13.81
CA CYS A 102 1.86 5.79 -13.84
C CYS A 102 3.24 5.26 -13.44
N TRP A 103 4.31 5.93 -13.87
CA TRP A 103 5.66 5.54 -13.47
C TRP A 103 5.85 5.70 -11.96
N GLU A 104 5.43 6.83 -11.41
CA GLU A 104 5.55 7.02 -9.97
C GLU A 104 4.81 5.90 -9.22
N ASN A 105 3.56 5.63 -9.61
CA ASN A 105 2.78 4.59 -8.94
C ASN A 105 3.44 3.23 -9.05
N LEU A 106 3.95 2.92 -10.24
CA LEU A 106 4.63 1.66 -10.46
C LEU A 106 5.86 1.51 -9.55
N ILE A 107 6.77 2.48 -9.58
CA ILE A 107 8.02 2.28 -8.87
C ILE A 107 7.79 2.34 -7.37
N LEU A 108 6.81 3.12 -6.90
CA LEU A 108 6.50 3.10 -5.47
C LEU A 108 6.00 1.73 -5.04
N ALA A 109 5.13 1.11 -5.85
CA ALA A 109 4.67 -0.26 -5.58
C ALA A 109 5.81 -1.26 -5.64
N MET A 110 6.71 -1.13 -6.61
CA MET A 110 7.82 -2.07 -6.73
C MET A 110 8.77 -1.97 -5.53
N LEU A 111 9.25 -0.76 -5.26
CA LEU A 111 10.19 -0.54 -4.16
C LEU A 111 9.58 -0.93 -2.82
N GLY A 112 8.28 -0.65 -2.63
CA GLY A 112 7.55 -0.94 -1.40
C GLY A 112 7.18 -2.39 -1.16
N GLU A 113 7.55 -3.29 -2.07
CA GLU A 113 7.27 -4.72 -1.99
C GLU A 113 5.77 -5.04 -2.07
N GLN A 114 5.07 -4.32 -2.93
CA GLN A 114 3.65 -4.55 -3.10
C GLN A 114 3.33 -5.69 -4.06
N PHE A 115 4.32 -6.29 -4.75
CA PHE A 115 3.93 -7.31 -5.72
C PHE A 115 3.75 -8.70 -5.08
N MET A 116 4.55 -9.05 -4.09
CA MET A 116 4.39 -10.34 -3.39
C MET A 116 4.66 -11.51 -4.34
N VAL A 117 5.86 -11.51 -4.92
CA VAL A 117 6.29 -12.59 -5.81
C VAL A 117 7.72 -12.97 -5.45
N GLY A 118 8.05 -12.91 -4.16
CA GLY A 118 9.39 -13.28 -3.74
C GLY A 118 10.42 -12.43 -4.46
N GLU A 119 11.41 -13.09 -5.06
CA GLU A 119 12.51 -12.42 -5.71
C GLU A 119 12.30 -12.19 -7.20
N GLU A 120 11.07 -12.34 -7.70
CA GLU A 120 10.86 -12.41 -9.14
C GLU A 120 11.08 -11.08 -9.85
N ILE A 121 10.90 -9.94 -9.17
CA ILE A 121 10.98 -8.65 -9.84
C ILE A 121 12.43 -8.33 -10.15
N CYS A 122 12.69 -7.90 -11.39
CA CYS A 122 14.00 -7.40 -11.77
C CYS A 122 14.05 -5.87 -11.79
N GLY A 123 13.04 -5.23 -12.37
CA GLY A 123 13.01 -3.78 -12.39
C GLY A 123 11.90 -3.29 -13.29
N ALA A 124 11.92 -1.99 -13.52
CA ALA A 124 10.85 -1.33 -14.26
C ALA A 124 11.45 -0.30 -15.21
N VAL A 125 10.75 -0.05 -16.31
CA VAL A 125 11.23 0.87 -17.33
C VAL A 125 10.09 1.79 -17.74
N VAL A 126 10.43 3.06 -17.97
CA VAL A 126 9.53 3.98 -18.65
C VAL A 126 10.25 4.51 -19.89
N SER A 127 9.63 4.31 -21.05
CA SER A 127 10.23 4.67 -22.34
C SER A 127 9.40 5.78 -22.96
N VAL A 128 10.02 6.92 -23.20
CA VAL A 128 9.34 8.10 -23.74
C VAL A 128 9.59 8.14 -25.24
N ARG A 129 8.51 8.09 -26.02
CA ARG A 129 8.60 8.15 -27.49
C ARG A 129 7.72 9.31 -27.98
N PHE A 130 7.69 9.53 -29.30
CA PHE A 130 7.08 10.76 -29.80
C PHE A 130 5.57 10.74 -29.68
N GLN A 131 4.93 9.62 -30.04
CA GLN A 131 3.48 9.53 -30.04
C GLN A 131 2.94 8.68 -28.89
N GLU A 132 3.79 8.07 -28.09
CA GLU A 132 3.30 7.32 -26.95
C GLU A 132 4.44 7.09 -25.97
N ASP A 133 4.07 6.72 -24.76
CA ASP A 133 5.02 6.27 -23.76
C ASP A 133 4.75 4.79 -23.47
N ILE A 134 5.76 4.08 -23.01
CA ILE A 134 5.63 2.66 -22.71
C ILE A 134 6.21 2.38 -21.33
N ILE A 135 5.41 1.75 -20.48
CA ILE A 135 5.85 1.43 -19.13
C ILE A 135 5.87 -0.09 -19.02
N SER A 136 6.89 -0.61 -18.36
CA SER A 136 6.98 -2.05 -18.21
C SER A 136 7.60 -2.42 -16.87
N ILE A 137 7.26 -3.61 -16.41
CA ILE A 137 7.87 -4.21 -15.23
C ILE A 137 8.38 -5.58 -15.64
N TRP A 138 9.66 -5.83 -15.38
CA TRP A 138 10.34 -7.04 -15.77
C TRP A 138 10.43 -8.00 -14.60
N ASN A 139 10.28 -9.30 -14.88
CA ASN A 139 10.44 -10.34 -13.86
C ASN A 139 11.34 -11.45 -14.38
N LYS A 140 11.76 -12.29 -13.45
CA LYS A 140 12.88 -13.20 -13.66
C LYS A 140 12.49 -14.40 -14.53
N THR A 141 11.37 -15.03 -14.23
CA THR A 141 10.99 -16.29 -14.89
C THR A 141 9.73 -16.06 -15.73
N ALA A 142 9.91 -16.05 -17.05
CA ALA A 142 8.81 -15.80 -17.96
C ALA A 142 7.80 -16.96 -17.97
N SER A 143 8.24 -18.17 -17.63
CA SER A 143 7.39 -19.33 -17.68
C SER A 143 6.67 -19.59 -16.36
N ASP A 144 6.89 -18.75 -15.35
CA ASP A 144 6.21 -18.85 -14.06
C ASP A 144 4.86 -18.16 -14.16
N GLN A 145 3.88 -18.90 -14.71
CA GLN A 145 2.56 -18.31 -14.98
C GLN A 145 1.93 -17.73 -13.72
N ALA A 146 2.13 -18.36 -12.57
CA ALA A 146 1.51 -17.85 -11.35
C ALA A 146 2.13 -16.53 -10.94
N THR A 147 3.45 -16.38 -11.10
CA THR A 147 4.09 -15.10 -10.83
C THR A 147 3.58 -14.02 -11.77
N THR A 148 3.67 -14.27 -13.08
CA THR A 148 3.27 -13.25 -14.05
C THR A 148 1.80 -12.92 -13.93
N ALA A 149 0.98 -13.86 -13.45
CA ALA A 149 -0.43 -13.57 -13.23
C ALA A 149 -0.62 -12.65 -12.03
N ARG A 150 0.20 -12.83 -10.99
CA ARG A 150 0.08 -11.98 -9.81
C ARG A 150 0.56 -10.57 -10.09
N ILE A 151 1.62 -10.42 -10.88
CA ILE A 151 2.10 -9.09 -11.24
C ILE A 151 1.00 -8.31 -11.95
N ARG A 152 0.34 -8.94 -12.92
CA ARG A 152 -0.75 -8.28 -13.64
C ARG A 152 -1.83 -7.76 -12.70
N ASP A 153 -2.24 -8.59 -11.72
CA ASP A 153 -3.30 -8.17 -10.80
C ASP A 153 -2.85 -6.98 -9.97
N THR A 154 -1.62 -7.01 -9.47
CA THR A 154 -1.12 -5.87 -8.70
C THR A 154 -1.02 -4.63 -9.58
N LEU A 155 -0.56 -4.79 -10.82
CA LEU A 155 -0.52 -3.65 -11.74
C LEU A 155 -1.90 -3.02 -11.89
N ARG A 156 -2.89 -3.82 -12.25
CA ARG A 156 -4.22 -3.30 -12.37
C ARG A 156 -4.65 -2.59 -11.09
N ARG A 157 -4.22 -3.09 -9.93
CA ARG A 157 -4.64 -2.49 -8.67
C ARG A 157 -3.91 -1.20 -8.34
N VAL A 158 -2.60 -1.09 -8.62
CA VAL A 158 -1.84 0.06 -8.14
C VAL A 158 -1.66 1.18 -9.16
N LEU A 159 -1.89 0.92 -10.45
CA LEU A 159 -1.48 1.88 -11.47
C LEU A 159 -2.49 2.99 -11.70
N ASN A 160 -3.77 2.73 -11.45
CA ASN A 160 -4.84 3.72 -11.62
C ASN A 160 -4.99 4.11 -13.10
N LEU A 161 -5.38 3.13 -13.90
CA LEU A 161 -5.52 3.31 -15.33
C LEU A 161 -6.95 3.04 -15.79
N PRO A 162 -7.43 3.76 -16.80
CA PRO A 162 -8.74 3.44 -17.35
C PRO A 162 -8.84 1.96 -17.65
N PRO A 163 -10.02 1.35 -17.44
CA PRO A 163 -10.14 -0.10 -17.64
C PRO A 163 -10.05 -0.50 -19.11
N ASN A 164 -10.04 0.46 -20.02
CA ASN A 164 -9.82 0.18 -21.43
C ASN A 164 -8.35 -0.10 -21.74
N THR A 165 -7.44 0.22 -20.82
CA THR A 165 -6.00 0.11 -21.12
C THR A 165 -5.60 -1.35 -21.25
N ILE A 166 -4.93 -1.67 -22.33
CA ILE A 166 -4.44 -3.02 -22.61
C ILE A 166 -3.09 -3.21 -21.93
N MET A 167 -2.81 -4.46 -21.52
CA MET A 167 -1.48 -4.86 -21.07
C MET A 167 -1.09 -6.13 -21.80
N GLU A 168 0.18 -6.19 -22.22
CA GLU A 168 0.71 -7.34 -22.92
C GLU A 168 1.95 -7.86 -22.21
N TYR A 169 2.08 -9.18 -22.14
CA TYR A 169 3.29 -9.81 -21.66
C TYR A 169 4.13 -10.28 -22.83
N LYS A 170 5.44 -10.12 -22.71
CA LYS A 170 6.40 -10.53 -23.72
C LYS A 170 7.58 -11.21 -23.05
N THR A 171 7.94 -12.39 -23.55
CA THR A 171 9.16 -13.05 -23.10
C THR A 171 10.32 -12.47 -23.90
N HIS A 172 11.40 -12.12 -23.19
CA HIS A 172 12.49 -11.39 -23.84
C HIS A 172 13.04 -12.15 -25.04
N THR A 173 13.12 -13.47 -24.96
CA THR A 173 13.67 -14.25 -26.07
C THR A 173 12.79 -14.17 -27.30
N ASP A 174 11.46 -14.11 -27.13
CA ASP A 174 10.55 -14.12 -28.28
C ASP A 174 10.95 -13.12 -29.35
N SER A 175 11.78 -12.13 -29.01
CA SER A 175 12.21 -11.13 -29.97
C SER A 175 13.18 -11.70 -31.02
N ILE A 176 13.80 -12.84 -30.76
CA ILE A 176 14.78 -13.41 -31.69
C ILE A 176 14.09 -14.43 -32.59
N TYR B 6 1.23 -15.94 2.51
CA TYR B 6 2.33 -16.76 2.99
C TYR B 6 3.48 -15.90 3.53
N LYS B 7 4.53 -15.76 2.72
CA LYS B 7 5.79 -15.16 3.14
C LYS B 7 5.78 -13.69 2.74
N LEU B 8 5.64 -12.82 3.74
CA LEU B 8 5.73 -11.39 3.51
C LEU B 8 7.18 -10.96 3.48
N ALA B 9 7.49 -10.00 2.61
CA ALA B 9 8.78 -9.34 2.67
C ALA B 9 8.98 -8.65 4.02
N ASP B 10 10.25 -8.58 4.43
CA ASP B 10 10.58 -7.90 5.69
C ASP B 10 10.24 -6.40 5.62
N TYR B 11 10.61 -5.71 4.53
CA TYR B 11 10.44 -4.26 4.45
C TYR B 11 9.37 -3.94 3.42
N ARG B 12 8.21 -3.48 3.89
CA ARG B 12 7.05 -3.25 3.06
C ARG B 12 6.48 -1.87 3.35
N TYR B 13 6.10 -1.18 2.28
CA TYR B 13 5.57 0.17 2.33
C TYR B 13 4.50 0.33 1.27
N GLY B 14 3.35 0.81 1.67
CA GLY B 14 2.34 1.23 0.73
C GLY B 14 2.62 2.63 0.22
N ARG B 15 1.83 3.02 -0.79
CA ARG B 15 2.05 4.30 -1.45
C ARG B 15 2.02 5.44 -0.46
N GLU B 16 1.01 5.47 0.40
CA GLU B 16 0.90 6.58 1.34
C GLU B 16 2.06 6.56 2.34
N GLU B 17 2.52 5.37 2.74
CA GLU B 17 3.68 5.29 3.62
C GLU B 17 4.95 5.79 2.90
N MET B 18 5.14 5.45 1.64
CA MET B 18 6.28 6.00 0.91
C MET B 18 6.26 7.53 0.91
N LEU B 19 5.11 8.12 0.55
CA LEU B 19 5.00 9.58 0.50
C LEU B 19 5.21 10.23 1.84
N ALA B 20 4.81 9.54 2.92
CA ALA B 20 4.98 10.08 4.26
C ALA B 20 6.44 10.27 4.61
N LEU B 21 7.34 9.50 4.02
CA LEU B 21 8.77 9.61 4.34
C LEU B 21 9.51 10.54 3.40
N PHE B 22 8.79 11.26 2.55
CA PHE B 22 9.39 12.18 1.59
C PHE B 22 9.78 13.44 2.36
N LEU B 23 11.05 13.53 2.74
CA LEU B 23 11.54 14.69 3.47
C LEU B 23 11.62 15.90 2.55
N LYS B 24 11.06 17.03 2.99
CA LYS B 24 11.02 18.20 2.11
C LYS B 24 12.33 18.97 2.08
N ASP B 25 13.26 18.70 2.99
CA ASP B 25 14.58 19.36 2.99
C ASP B 25 15.61 18.27 2.75
N ASN B 26 16.09 18.17 1.50
CA ASN B 26 17.14 17.20 1.20
C ASN B 26 18.25 17.88 0.39
N LYS B 27 19.26 17.08 0.08
CA LYS B 27 20.37 17.49 -0.77
C LYS B 27 20.43 16.57 -1.99
N ILE B 28 20.59 17.15 -3.18
CA ILE B 28 20.70 16.35 -4.40
C ILE B 28 21.87 15.37 -4.26
N PRO B 29 21.71 14.07 -4.55
CA PRO B 29 22.85 13.15 -4.49
C PRO B 29 23.93 13.56 -5.48
N SER B 30 25.19 13.41 -5.06
CA SER B 30 26.30 13.76 -5.93
C SER B 30 26.33 12.89 -7.19
N ASP B 31 25.86 11.63 -7.11
CA ASP B 31 25.73 10.78 -8.30
C ASP B 31 24.93 11.46 -9.41
N LEU B 32 23.99 12.34 -9.09
CA LEU B 32 23.25 13.02 -10.14
C LEU B 32 23.97 14.24 -10.71
N LEU B 33 25.07 14.69 -10.11
CA LEU B 33 25.70 15.94 -10.55
C LEU B 33 26.74 15.61 -11.62
N ASP B 34 26.22 15.20 -12.77
CA ASP B 34 27.05 14.87 -13.93
C ASP B 34 26.46 15.58 -15.13
N LYS B 35 27.35 16.13 -15.97
CA LYS B 35 26.91 16.87 -17.15
C LYS B 35 25.91 16.07 -17.96
N GLU B 36 26.05 14.75 -17.98
CA GLU B 36 25.14 13.91 -18.77
C GLU B 36 23.70 14.01 -18.25
N PHE B 37 23.53 14.30 -16.97
CA PHE B 37 22.19 14.33 -16.39
C PHE B 37 21.57 15.71 -16.35
N LEU B 38 22.28 16.74 -16.84
CA LEU B 38 21.72 18.08 -16.84
C LEU B 38 20.35 18.15 -17.46
N PRO B 39 20.07 17.51 -18.59
CA PRO B 39 18.72 17.55 -19.13
C PRO B 39 17.65 17.00 -18.18
N ILE B 40 18.01 16.18 -17.18
CA ILE B 40 17.01 15.48 -16.40
C ILE B 40 16.98 15.94 -14.94
N LEU B 41 17.80 16.94 -14.59
CA LEU B 41 17.87 17.46 -13.23
C LEU B 41 16.79 18.49 -12.97
N GLN B 42 16.28 18.48 -11.74
CA GLN B 42 15.41 19.54 -11.26
C GLN B 42 15.72 19.74 -9.77
N GLU C 6 7.57 -20.18 10.32
CA GLU C 6 6.12 -20.28 10.32
C GLU C 6 5.51 -19.45 11.44
N ALA C 7 6.29 -18.54 12.02
CA ALA C 7 5.83 -17.77 13.15
C ALA C 7 4.72 -16.82 12.74
N GLU C 8 3.91 -16.44 13.72
CA GLU C 8 2.83 -15.50 13.50
C GLU C 8 3.38 -14.09 13.33
N HIS C 9 2.55 -13.23 12.73
CA HIS C 9 2.96 -11.86 12.46
C HIS C 9 2.34 -10.95 13.51
N PRO C 10 3.12 -10.32 14.38
CA PRO C 10 2.55 -9.52 15.46
C PRO C 10 1.83 -8.30 14.93
N LEU C 11 0.86 -7.84 15.72
CA LEU C 11 0.26 -6.53 15.57
C LEU C 11 1.04 -5.51 16.39
N GLN C 12 0.93 -4.24 15.97
CA GLN C 12 1.57 -3.16 16.72
C GLN C 12 1.07 -3.13 18.15
N TYR C 13 -0.24 -3.35 18.30
CA TYR C 13 -0.92 -3.37 19.58
C TYR C 13 -1.74 -4.65 19.69
N ASN C 14 -1.96 -5.10 20.92
CA ASN C 14 -2.98 -6.10 21.18
C ASN C 14 -4.35 -5.43 21.17
N TYR C 15 -5.35 -6.20 20.75
CA TYR C 15 -6.72 -5.70 20.62
C TYR C 15 -7.70 -6.66 21.27
N THR C 16 -8.90 -6.15 21.57
CA THR C 16 -9.96 -6.89 22.26
C THR C 16 -11.29 -6.68 21.55
N PHE C 17 -11.95 -7.77 21.19
CA PHE C 17 -13.30 -7.73 20.65
C PHE C 17 -14.32 -7.67 21.80
N TRP C 18 -15.42 -6.95 21.57
CA TRP C 18 -16.53 -6.86 22.52
C TRP C 18 -17.84 -6.95 21.75
N TYR C 19 -18.90 -7.42 22.43
CA TYR C 19 -20.22 -7.62 21.85
C TYR C 19 -21.30 -7.03 22.77
N SER C 20 -22.32 -6.42 22.16
CA SER C 20 -23.42 -5.80 22.89
C SER C 20 -24.74 -6.03 22.16
N ARG C 21 -25.80 -6.23 22.94
CA ARG C 21 -27.15 -6.26 22.40
C ARG C 21 -28.13 -5.89 23.50
N ARG C 22 -29.26 -5.30 23.10
CA ARG C 22 -30.41 -5.11 23.98
C ARG C 22 -31.66 -5.67 23.32
N GLN C 35 -27.81 -3.66 27.51
CA GLN C 35 -26.78 -3.22 26.57
C GLN C 35 -25.38 -3.46 27.13
N ASN C 36 -25.25 -4.27 28.17
CA ASN C 36 -23.94 -4.51 28.76
C ASN C 36 -22.98 -5.03 27.69
N ILE C 37 -21.70 -4.71 27.87
CA ILE C 37 -20.66 -4.93 26.85
C ILE C 37 -19.75 -6.04 27.36
N LYS C 38 -19.79 -7.19 26.70
CA LYS C 38 -19.04 -8.34 27.16
C LYS C 38 -17.77 -8.51 26.34
N GLN C 39 -16.64 -8.66 27.04
CA GLN C 39 -15.38 -8.95 26.39
C GLN C 39 -15.42 -10.35 25.77
N ILE C 40 -14.97 -10.46 24.52
CA ILE C 40 -14.90 -11.74 23.84
C ILE C 40 -13.50 -12.31 24.05
N GLY C 41 -12.47 -11.56 23.66
CA GLY C 41 -11.12 -12.06 23.79
C GLY C 41 -10.12 -11.08 23.20
N THR C 42 -8.86 -11.38 23.43
CA THR C 42 -7.75 -10.52 23.06
C THR C 42 -6.82 -11.28 22.14
N PHE C 43 -6.28 -10.59 21.14
CA PHE C 43 -5.36 -11.20 20.18
C PHE C 43 -4.17 -10.28 19.93
N ALA C 44 -3.02 -10.89 19.61
CA ALA C 44 -1.76 -10.16 19.45
C ALA C 44 -1.15 -10.25 18.07
N SER C 45 -1.72 -11.05 17.17
CA SER C 45 -1.13 -11.29 15.86
C SER C 45 -2.22 -11.20 14.81
N VAL C 46 -1.79 -11.08 13.54
CA VAL C 46 -2.75 -11.13 12.45
C VAL C 46 -3.49 -12.45 12.46
N GLU C 47 -2.76 -13.55 12.69
CA GLU C 47 -3.37 -14.88 12.61
C GLU C 47 -4.38 -15.08 13.73
N GLN C 48 -4.09 -14.56 14.92
CA GLN C 48 -5.04 -14.67 16.03
C GLN C 48 -6.29 -13.84 15.78
N PHE C 49 -6.12 -12.66 15.16
CA PHE C 49 -7.28 -11.88 14.73
C PHE C 49 -8.20 -12.70 13.83
N TRP C 50 -7.63 -13.35 12.81
CA TRP C 50 -8.49 -14.10 11.89
C TRP C 50 -9.27 -15.21 12.59
N ARG C 51 -8.65 -15.87 13.57
CA ARG C 51 -9.36 -16.92 14.30
C ARG C 51 -10.66 -16.40 14.91
N PHE C 52 -10.62 -15.24 15.57
CA PHE C 52 -11.84 -14.65 16.12
C PHE C 52 -12.78 -14.21 15.02
N TYR C 53 -12.28 -13.42 14.07
CA TYR C 53 -13.15 -12.75 13.11
C TYR C 53 -13.83 -13.74 12.18
N SER C 54 -13.12 -14.79 11.75
CA SER C 54 -13.70 -15.73 10.80
C SER C 54 -14.85 -16.53 11.39
N HIS C 55 -14.98 -16.56 12.72
CA HIS C 55 -16.04 -17.28 13.39
C HIS C 55 -17.07 -16.37 14.01
N MET C 56 -17.05 -15.09 13.65
CA MET C 56 -18.10 -14.16 14.01
C MET C 56 -18.96 -13.89 12.78
N VAL C 57 -20.27 -13.92 12.99
CA VAL C 57 -21.24 -13.46 12.02
C VAL C 57 -20.82 -12.07 11.53
N ARG C 58 -21.12 -11.77 10.29
CA ARG C 58 -20.85 -10.44 9.79
C ARG C 58 -21.96 -9.48 10.24
N PRO C 59 -21.60 -8.27 10.69
CA PRO C 59 -22.62 -7.40 11.34
C PRO C 59 -23.89 -7.22 10.54
N GLY C 60 -23.82 -7.18 9.20
CA GLY C 60 -25.01 -7.03 8.39
C GLY C 60 -25.98 -8.20 8.49
N ASP C 61 -25.56 -9.30 9.11
CA ASP C 61 -26.42 -10.45 9.35
C ASP C 61 -26.93 -10.51 10.78
N LEU C 62 -26.44 -9.63 11.66
CA LEU C 62 -26.96 -9.56 13.01
C LEU C 62 -28.42 -9.11 12.99
N THR C 63 -29.02 -9.09 14.16
CA THR C 63 -30.40 -8.67 14.33
C THR C 63 -30.50 -7.74 15.53
N GLY C 64 -31.65 -7.10 15.67
CA GLY C 64 -31.89 -6.22 16.79
C GLY C 64 -30.92 -5.06 16.81
N HIS C 65 -30.63 -4.58 18.01
CA HIS C 65 -29.69 -3.49 18.23
C HIS C 65 -28.41 -4.11 18.79
N SER C 66 -27.53 -4.54 17.88
CA SER C 66 -26.32 -5.26 18.23
C SER C 66 -25.09 -4.45 17.81
N ASP C 67 -24.00 -4.61 18.57
CA ASP C 67 -22.79 -3.84 18.37
C ASP C 67 -21.55 -4.73 18.51
N PHE C 68 -20.64 -4.63 17.53
CA PHE C 68 -19.29 -5.15 17.69
C PHE C 68 -18.36 -4.00 18.06
N HIS C 69 -17.44 -4.25 18.98
CA HIS C 69 -16.44 -3.26 19.38
C HIS C 69 -15.06 -3.88 19.36
N LEU C 70 -14.10 -3.13 18.84
CA LEU C 70 -12.73 -3.60 18.70
C LEU C 70 -11.82 -2.48 19.17
N PHE C 71 -11.16 -2.69 20.31
CA PHE C 71 -10.43 -1.64 20.99
C PHE C 71 -9.08 -2.18 21.44
N LYS C 72 -8.12 -1.27 21.57
CA LYS C 72 -6.82 -1.68 22.07
C LYS C 72 -6.97 -2.32 23.45
N GLU C 73 -6.13 -3.32 23.72
CA GLU C 73 -6.17 -3.97 25.02
C GLU C 73 -5.88 -2.95 26.12
N GLY C 74 -6.66 -3.03 27.19
CA GLY C 74 -6.57 -2.06 28.26
C GLY C 74 -7.42 -0.82 28.07
N ILE C 75 -8.20 -0.74 26.99
CA ILE C 75 -9.08 0.39 26.74
C ILE C 75 -10.50 -0.15 26.67
N LYS C 76 -11.28 0.08 27.72
CA LYS C 76 -12.68 -0.34 27.70
C LYS C 76 -13.43 0.48 26.65
N PRO C 77 -14.48 -0.09 26.05
CA PRO C 77 -15.13 0.52 24.87
C PRO C 77 -16.25 1.50 25.20
N MET C 78 -15.98 2.44 26.08
CA MET C 78 -16.89 3.58 26.24
C MET C 78 -16.09 4.79 26.70
N TRP C 79 -16.60 5.98 26.36
CA TRP C 79 -15.74 7.16 26.35
C TRP C 79 -15.20 7.52 27.73
N GLU C 80 -15.81 7.03 28.81
CA GLU C 80 -15.32 7.37 30.14
C GLU C 80 -13.89 6.90 30.37
N ASP C 81 -13.39 5.96 29.56
CA ASP C 81 -12.04 5.43 29.78
C ASP C 81 -11.04 6.56 29.81
N ASP C 82 -9.96 6.38 30.57
CA ASP C 82 -8.92 7.39 30.63
C ASP C 82 -8.17 7.53 29.30
N ALA C 83 -8.41 6.65 28.34
CA ALA C 83 -7.88 6.81 26.99
C ALA C 83 -8.88 7.47 26.05
N ASN C 84 -10.17 7.51 26.41
CA ASN C 84 -11.19 8.11 25.56
C ASN C 84 -11.75 9.41 26.11
N LYS C 85 -11.54 9.72 27.39
CA LYS C 85 -12.23 10.84 28.02
C LYS C 85 -12.00 12.14 27.26
N ASN C 86 -10.76 12.38 26.82
CA ASN C 86 -10.42 13.54 26.02
C ASN C 86 -10.47 13.26 24.53
N GLY C 87 -11.19 12.22 24.11
CA GLY C 87 -11.22 11.80 22.73
C GLY C 87 -12.52 12.15 22.03
N GLY C 88 -12.59 11.73 20.77
CA GLY C 88 -13.78 11.88 19.96
C GLY C 88 -13.86 10.75 18.95
N LYS C 89 -14.80 10.83 18.02
CA LYS C 89 -15.03 9.71 17.11
C LYS C 89 -15.59 10.21 15.78
N TRP C 90 -15.09 9.64 14.69
CA TRP C 90 -15.67 9.83 13.36
C TRP C 90 -16.80 8.84 13.15
N ILE C 91 -17.91 9.32 12.59
CA ILE C 91 -19.13 8.51 12.44
C ILE C 91 -19.56 8.50 10.98
N ILE C 92 -20.13 7.38 10.55
CA ILE C 92 -20.59 7.18 9.18
C ILE C 92 -21.89 6.38 9.21
N ARG C 93 -22.83 6.75 8.34
CA ARG C 93 -24.16 6.18 8.32
C ARG C 93 -24.42 5.49 7.00
N LEU C 94 -24.91 4.26 7.06
CA LEU C 94 -25.06 3.43 5.88
C LEU C 94 -26.47 2.85 5.78
N ARG C 95 -26.95 2.77 4.55
CA ARG C 95 -28.13 1.96 4.25
C ARG C 95 -27.83 0.50 4.57
N LYS C 96 -28.88 -0.24 4.93
CA LYS C 96 -28.72 -1.66 5.16
C LYS C 96 -28.05 -2.32 3.97
N GLY C 97 -27.22 -3.33 4.25
CA GLY C 97 -26.59 -4.12 3.22
C GLY C 97 -25.18 -3.70 2.83
N LEU C 98 -24.63 -2.67 3.48
CA LEU C 98 -23.28 -2.21 3.19
C LEU C 98 -22.36 -2.26 4.40
N ALA C 99 -22.88 -2.54 5.59
CA ALA C 99 -22.08 -2.41 6.81
C ALA C 99 -21.02 -3.50 6.92
N SER C 100 -21.26 -4.68 6.33
CA SER C 100 -20.34 -5.79 6.53
C SER C 100 -19.02 -5.55 5.79
N ARG C 101 -19.11 -5.21 4.50
CA ARG C 101 -17.90 -5.01 3.71
C ARG C 101 -17.08 -3.85 4.25
N CYS C 102 -17.74 -2.77 4.67
CA CYS C 102 -17.03 -1.60 5.16
C CYS C 102 -16.42 -1.86 6.53
N TRP C 103 -17.12 -2.62 7.36
CA TRP C 103 -16.58 -2.94 8.68
C TRP C 103 -15.30 -3.75 8.56
N GLU C 104 -15.28 -4.72 7.64
CA GLU C 104 -14.06 -5.49 7.41
C GLU C 104 -12.92 -4.58 6.97
N ASN C 105 -13.16 -3.75 5.95
CA ASN C 105 -12.11 -2.86 5.47
C ASN C 105 -11.62 -1.93 6.58
N LEU C 106 -12.53 -1.47 7.43
CA LEU C 106 -12.14 -0.55 8.49
C LEU C 106 -11.23 -1.23 9.51
N ILE C 107 -11.60 -2.43 9.97
CA ILE C 107 -10.80 -3.02 11.02
C ILE C 107 -9.49 -3.57 10.45
N LEU C 108 -9.48 -4.06 9.22
CA LEU C 108 -8.21 -4.43 8.60
C LEU C 108 -7.27 -3.22 8.52
N ALA C 109 -7.80 -2.06 8.12
CA ALA C 109 -6.99 -0.84 8.09
C ALA C 109 -6.46 -0.49 9.47
N MET C 110 -7.33 -0.54 10.50
CA MET C 110 -6.91 -0.17 11.84
C MET C 110 -5.85 -1.12 12.38
N LEU C 111 -6.13 -2.42 12.33
CA LEU C 111 -5.20 -3.39 12.85
C LEU C 111 -3.85 -3.31 12.15
N GLY C 112 -3.87 -3.03 10.84
CA GLY C 112 -2.67 -2.97 10.04
C GLY C 112 -1.87 -1.70 10.17
N GLU C 113 -2.31 -0.79 11.04
CA GLU C 113 -1.60 0.46 11.31
C GLU C 113 -1.60 1.37 10.09
N GLN C 114 -2.70 1.36 9.33
CA GLN C 114 -2.82 2.17 8.13
C GLN C 114 -3.23 3.60 8.44
N PHE C 115 -3.73 3.86 9.65
CA PHE C 115 -3.88 5.22 10.16
C PHE C 115 -2.56 5.63 10.77
N MET C 116 -1.87 6.58 10.13
CA MET C 116 -0.57 7.05 10.63
C MET C 116 -0.80 8.19 11.62
N VAL C 117 -1.14 7.81 12.85
CA VAL C 117 -1.39 8.79 13.91
C VAL C 117 -0.77 8.30 15.19
N GLY C 118 0.30 7.51 15.08
CA GLY C 118 0.93 6.91 16.24
C GLY C 118 -0.07 6.21 17.15
N GLU C 119 -0.16 6.66 18.40
CA GLU C 119 -0.97 6.02 19.42
C GLU C 119 -2.37 6.60 19.55
N GLU C 120 -2.81 7.38 18.58
CA GLU C 120 -4.07 8.10 18.76
C GLU C 120 -5.27 7.19 18.63
N ILE C 121 -5.17 6.09 17.87
CA ILE C 121 -6.35 5.25 17.66
C ILE C 121 -6.67 4.51 18.95
N CYS C 122 -7.97 4.46 19.28
CA CYS C 122 -8.46 3.76 20.46
C CYS C 122 -9.24 2.50 20.11
N GLY C 123 -10.19 2.60 19.19
CA GLY C 123 -10.92 1.44 18.73
C GLY C 123 -11.92 1.85 17.68
N ALA C 124 -12.68 0.85 17.22
CA ALA C 124 -13.71 1.02 16.21
C ALA C 124 -14.97 0.31 16.67
N VAL C 125 -16.10 0.73 16.11
CA VAL C 125 -17.40 0.21 16.50
C VAL C 125 -18.30 0.21 15.28
N VAL C 126 -19.09 -0.85 15.13
CA VAL C 126 -20.18 -0.92 14.15
C VAL C 126 -21.46 -1.25 14.90
N SER C 127 -22.52 -0.49 14.62
CA SER C 127 -23.81 -0.63 15.32
C SER C 127 -24.90 -0.92 14.30
N VAL C 128 -25.64 -2.00 14.53
CA VAL C 128 -26.74 -2.41 13.67
C VAL C 128 -28.04 -1.89 14.25
N ARG C 129 -28.87 -1.28 13.40
CA ARG C 129 -30.17 -0.75 13.78
C ARG C 129 -31.19 -1.23 12.76
N PHE C 130 -32.45 -0.81 12.93
CA PHE C 130 -33.51 -1.30 12.06
C PHE C 130 -33.23 -0.99 10.60
N GLN C 131 -33.20 0.29 10.24
CA GLN C 131 -33.03 0.71 8.85
C GLN C 131 -31.71 1.40 8.57
N GLU C 132 -30.86 1.59 9.59
CA GLU C 132 -29.57 2.25 9.40
C GLU C 132 -28.46 1.44 10.07
N ASP C 133 -27.23 1.68 9.63
CA ASP C 133 -26.03 1.14 10.24
C ASP C 133 -25.08 2.28 10.56
N ILE C 134 -24.34 2.17 11.67
CA ILE C 134 -23.46 3.23 12.15
C ILE C 134 -22.08 2.65 12.42
N ILE C 135 -21.06 3.20 11.75
CA ILE C 135 -19.67 2.79 11.89
C ILE C 135 -18.88 3.97 12.44
N SER C 136 -17.88 3.69 13.28
CA SER C 136 -17.13 4.77 13.89
C SER C 136 -15.74 4.32 14.29
N ILE C 137 -14.82 5.29 14.37
CA ILE C 137 -13.47 5.07 14.85
C ILE C 137 -13.14 6.13 15.89
N TRP C 138 -12.46 5.72 16.95
CA TRP C 138 -12.23 6.54 18.12
C TRP C 138 -10.76 6.88 18.23
N ASN C 139 -10.48 8.12 18.63
CA ASN C 139 -9.11 8.55 18.89
C ASN C 139 -9.06 9.25 20.25
N LYS C 140 -7.84 9.37 20.76
CA LYS C 140 -7.64 9.77 22.15
C LYS C 140 -7.84 11.27 22.37
N THR C 141 -7.36 12.10 21.45
CA THR C 141 -7.37 13.56 21.62
C THR C 141 -8.28 14.16 20.56
N ALA C 142 -9.43 14.66 21.00
CA ALA C 142 -10.39 15.23 20.05
C ALA C 142 -9.96 16.59 19.54
N SER C 143 -9.16 17.34 20.33
CA SER C 143 -8.82 18.71 19.96
C SER C 143 -7.81 18.74 18.82
N ASP C 144 -6.88 17.79 18.80
CA ASP C 144 -5.87 17.69 17.75
C ASP C 144 -6.52 17.64 16.37
N GLN C 145 -6.37 18.72 15.60
CA GLN C 145 -7.03 18.81 14.30
C GLN C 145 -6.33 18.00 13.22
N ALA C 146 -5.00 17.86 13.32
CA ALA C 146 -4.26 17.11 12.30
C ALA C 146 -4.54 15.62 12.39
N THR C 147 -4.61 15.08 13.61
CA THR C 147 -4.92 13.68 13.79
C THR C 147 -6.27 13.34 13.16
N THR C 148 -7.31 14.11 13.52
CA THR C 148 -8.64 13.81 13.01
C THR C 148 -8.74 14.03 11.51
N ALA C 149 -7.92 14.93 10.96
CA ALA C 149 -7.91 15.12 9.51
C ALA C 149 -7.27 13.93 8.80
N ARG C 150 -6.12 13.46 9.30
CA ARG C 150 -5.50 12.26 8.75
C ARG C 150 -6.45 11.08 8.80
N ILE C 151 -7.13 10.90 9.95
CA ILE C 151 -8.07 9.80 10.11
C ILE C 151 -9.16 9.89 9.05
N ARG C 152 -9.70 11.09 8.82
CA ARG C 152 -10.72 11.26 7.78
C ARG C 152 -10.16 10.89 6.41
N ASP C 153 -8.95 11.34 6.09
CA ASP C 153 -8.37 11.02 4.78
C ASP C 153 -8.26 9.52 4.59
N THR C 154 -7.74 8.83 5.61
CA THR C 154 -7.57 7.38 5.49
C THR C 154 -8.91 6.69 5.25
N LEU C 155 -9.94 7.08 5.99
CA LEU C 155 -11.25 6.50 5.80
C LEU C 155 -11.70 6.63 4.35
N ARG C 156 -11.58 7.83 3.78
CA ARG C 156 -11.98 8.02 2.39
C ARG C 156 -11.21 7.08 1.46
N ARG C 157 -9.99 6.73 1.82
CA ARG C 157 -9.19 5.86 0.97
C ARG C 157 -9.54 4.38 1.15
N VAL C 158 -9.68 3.94 2.40
CA VAL C 158 -9.76 2.49 2.66
C VAL C 158 -11.18 1.94 2.53
N LEU C 159 -12.21 2.76 2.74
CA LEU C 159 -13.58 2.22 2.71
C LEU C 159 -14.17 2.19 1.32
N ASN C 160 -14.03 3.29 0.57
CA ASN C 160 -14.66 3.43 -0.74
C ASN C 160 -16.18 3.28 -0.60
N LEU C 161 -16.75 4.33 -0.03
CA LEU C 161 -18.17 4.37 0.32
C LEU C 161 -18.99 4.96 -0.82
N PRO C 162 -20.31 4.88 -0.72
CA PRO C 162 -21.17 5.34 -1.81
C PRO C 162 -20.88 6.79 -2.18
N PRO C 163 -21.57 7.31 -3.21
CA PRO C 163 -21.32 8.70 -3.62
C PRO C 163 -21.37 9.72 -2.49
N ASN C 164 -22.26 9.52 -1.52
CA ASN C 164 -22.47 10.53 -0.48
C ASN C 164 -21.16 10.79 0.28
N THR C 165 -20.66 9.79 0.99
CA THR C 165 -19.45 9.94 1.81
C THR C 165 -19.63 11.02 2.87
N ILE C 166 -20.76 10.97 3.57
CA ILE C 166 -21.08 11.96 4.62
C ILE C 166 -20.51 11.48 5.95
N MET C 167 -19.63 12.28 6.54
CA MET C 167 -18.98 11.94 7.79
C MET C 167 -19.16 13.08 8.79
N GLU C 168 -19.19 12.72 10.07
CA GLU C 168 -19.21 13.69 11.15
C GLU C 168 -18.24 13.25 12.23
N TYR C 169 -17.70 14.23 12.95
CA TYR C 169 -16.88 13.98 14.12
C TYR C 169 -17.57 14.60 15.33
N LYS C 170 -18.14 13.77 16.20
CA LYS C 170 -18.63 14.23 17.48
C LYS C 170 -17.52 14.12 18.52
N THR C 171 -17.68 14.85 19.62
CA THR C 171 -16.79 14.71 20.75
C THR C 171 -17.48 13.90 21.84
N HIS C 172 -16.66 13.15 22.60
CA HIS C 172 -17.19 12.31 23.65
C HIS C 172 -17.87 13.10 24.76
N THR C 173 -17.77 14.42 24.75
CA THR C 173 -18.37 15.28 25.78
C THR C 173 -19.63 15.97 25.31
N ASP C 174 -20.10 15.69 24.09
CA ASP C 174 -21.26 16.36 23.53
C ASP C 174 -22.40 15.38 23.26
N TYR D 6 3.74 10.98 11.10
CA TYR D 6 5.15 11.34 10.96
C TYR D 6 6.04 10.09 10.84
N LYS D 7 5.97 9.24 11.87
CA LYS D 7 6.86 8.11 12.02
C LYS D 7 6.07 6.81 11.90
N LEU D 8 6.70 5.80 11.30
CA LEU D 8 6.01 4.57 10.93
C LEU D 8 6.03 3.56 12.06
N ALA D 9 4.91 2.87 12.25
CA ALA D 9 4.86 1.77 13.18
C ALA D 9 5.76 0.64 12.70
N ASP D 10 6.17 -0.21 13.64
CA ASP D 10 6.99 -1.35 13.26
C ASP D 10 6.18 -2.41 12.56
N TYR D 11 4.90 -2.55 12.92
CA TYR D 11 4.08 -3.65 12.42
C TYR D 11 2.93 -3.07 11.60
N ARG D 12 3.07 -3.19 10.28
CA ARG D 12 2.15 -2.57 9.34
C ARG D 12 1.76 -3.58 8.29
N TYR D 13 0.46 -3.63 7.99
CA TYR D 13 -0.09 -4.57 7.02
C TYR D 13 -1.19 -3.88 6.26
N GLY D 14 -1.05 -3.82 4.94
CA GLY D 14 -2.17 -3.43 4.09
C GLY D 14 -3.19 -4.53 3.95
N ARG D 15 -4.29 -4.20 3.27
CA ARG D 15 -5.43 -5.10 3.21
C ARG D 15 -5.03 -6.43 2.55
N GLU D 16 -4.34 -6.35 1.40
CA GLU D 16 -3.92 -7.58 0.73
C GLU D 16 -2.97 -8.40 1.58
N GLU D 17 -2.14 -7.74 2.40
CA GLU D 17 -1.25 -8.49 3.26
C GLU D 17 -2.01 -9.15 4.41
N MET D 18 -3.00 -8.45 4.98
CA MET D 18 -3.86 -9.08 6.00
C MET D 18 -4.53 -10.33 5.44
N LEU D 19 -5.10 -10.22 4.25
CA LEU D 19 -5.85 -11.33 3.68
C LEU D 19 -4.95 -12.48 3.29
N ALA D 20 -3.71 -12.19 2.88
CA ALA D 20 -2.78 -13.24 2.53
C ALA D 20 -2.42 -14.09 3.74
N LEU D 21 -2.48 -13.51 4.93
CA LEU D 21 -2.15 -14.24 6.16
C LEU D 21 -3.34 -15.00 6.73
N PHE D 22 -4.47 -15.01 6.03
CA PHE D 22 -5.66 -15.70 6.49
C PHE D 22 -5.71 -17.14 5.94
N LEU D 23 -5.61 -18.11 6.84
CA LEU D 23 -5.93 -19.50 6.56
C LEU D 23 -6.99 -19.95 7.56
N LYS D 24 -8.17 -20.29 7.06
CA LYS D 24 -9.29 -20.68 7.92
C LYS D 24 -8.94 -21.89 8.77
N ASP D 25 -9.35 -21.83 10.05
CA ASP D 25 -9.24 -22.92 10.99
C ASP D 25 -10.65 -23.14 11.55
N ASN D 26 -11.23 -24.34 11.33
CA ASN D 26 -12.63 -24.56 11.70
C ASN D 26 -12.81 -24.65 13.21
N LYS D 27 -11.74 -24.84 13.97
CA LYS D 27 -11.87 -24.87 15.41
C LYS D 27 -12.14 -23.46 15.95
N ILE D 28 -13.25 -23.33 16.64
CA ILE D 28 -13.64 -22.02 17.18
C ILE D 28 -12.75 -21.71 18.38
N PRO D 29 -12.27 -20.47 18.54
CA PRO D 29 -11.47 -20.15 19.72
C PRO D 29 -12.30 -20.28 20.99
N SER D 30 -11.65 -20.74 22.06
CA SER D 30 -12.37 -21.03 23.30
C SER D 30 -13.12 -19.79 23.80
N ASP D 31 -12.48 -18.62 23.71
CA ASP D 31 -13.08 -17.39 24.20
C ASP D 31 -14.45 -17.12 23.58
N LEU D 32 -14.71 -17.64 22.37
CA LEU D 32 -16.02 -17.47 21.75
C LEU D 32 -17.02 -18.54 22.15
N LEU D 33 -16.60 -19.60 22.83
CA LEU D 33 -17.49 -20.69 23.23
C LEU D 33 -18.10 -20.32 24.58
N ASP D 34 -19.08 -19.43 24.51
CA ASP D 34 -19.75 -18.89 25.67
C ASP D 34 -21.19 -18.69 25.24
N LYS D 35 -22.11 -18.87 26.21
CA LYS D 35 -23.53 -18.77 25.94
C LYS D 35 -23.92 -17.42 25.39
N GLU D 36 -23.24 -16.36 25.83
CA GLU D 36 -23.59 -15.02 25.37
C GLU D 36 -23.27 -14.82 23.90
N PHE D 37 -22.34 -15.60 23.35
CA PHE D 37 -21.86 -15.40 21.98
C PHE D 37 -22.46 -16.38 20.98
N LEU D 38 -23.32 -17.31 21.43
CA LEU D 38 -23.94 -18.23 20.49
C LEU D 38 -24.69 -17.52 19.36
N PRO D 39 -25.30 -16.36 19.57
CA PRO D 39 -26.02 -15.73 18.46
C PRO D 39 -25.11 -15.18 17.37
N ILE D 40 -23.84 -14.92 17.68
CA ILE D 40 -22.92 -14.30 16.72
C ILE D 40 -21.94 -15.30 16.12
N LEU D 41 -22.09 -16.59 16.42
CA LEU D 41 -21.10 -17.59 16.07
C LEU D 41 -21.26 -18.08 14.64
N GLN D 42 -20.13 -18.44 14.05
CA GLN D 42 -20.03 -18.87 12.67
C GLN D 42 -18.95 -19.96 12.59
P PO4 E . 2.34 15.26 -14.67
O1 PO4 E . 3.79 15.62 -14.43
O2 PO4 E . 1.49 16.51 -14.52
O3 PO4 E . 1.84 14.23 -13.68
O4 PO4 E . 2.22 14.70 -16.08
P PO4 F . 26.09 11.87 -1.44
O1 PO4 F . 27.39 12.16 -0.73
O2 PO4 F . 25.16 11.20 -0.47
O3 PO4 F . 26.35 10.90 -2.58
O4 PO4 F . 25.53 13.17 -1.98
P PO4 G . -22.27 -8.96 2.70
O1 PO4 G . -22.14 -9.58 4.08
O2 PO4 G . -21.32 -7.79 2.58
O3 PO4 G . -21.91 -10.00 1.65
O4 PO4 G . -23.69 -8.49 2.50
P PO4 H . -7.71 -21.36 21.83
O1 PO4 H . -7.18 -21.36 23.25
O2 PO4 H . -6.98 -22.43 21.04
O3 PO4 H . -7.49 -19.99 21.21
O4 PO4 H . -9.19 -21.68 21.83
#